data_6XXA
#
_entry.id   6XXA
#
_entity_poly.entity_id   1
_entity_poly.type   'polyribonucleotide'
_entity_poly.pdbx_seq_one_letter_code
;GGUGCCUAAUAUUUAGGCACC
;
_entity_poly.pdbx_strand_id   A
#
loop_
_chem_comp.id
_chem_comp.type
_chem_comp.name
_chem_comp.formula
A RNA linking ADENOSINE-5'-MONOPHOSPHATE 'C10 H14 N5 O7 P'
C RNA linking CYTIDINE-5'-MONOPHOSPHATE 'C9 H14 N3 O8 P'
G RNA linking GUANOSINE-5'-MONOPHOSPHATE 'C10 H14 N5 O8 P'
U RNA linking URIDINE-5'-MONOPHOSPHATE 'C9 H13 N2 O9 P'
#